data_2JGP
#
_entry.id   2JGP
#
_cell.length_a   84.973
_cell.length_b   84.973
_cell.length_c   164.969
_cell.angle_alpha   90.00
_cell.angle_beta   90.00
_cell.angle_gamma   90.00
#
_symmetry.space_group_name_H-M   'P 43 21 2'
#
loop_
_entity.id
_entity.type
_entity.pdbx_description
1 polymer 'TYROCIDINE SYNTHETASE 3'
2 non-polymer 'SULFATE ION'
3 non-polymer '1,4-DIETHYLENE DIOXIDE'
4 non-polymer 'SODIUM ION'
5 water water
#
_entity_poly.entity_id   1
_entity_poly.type   'polypeptide(L)'
_entity_poly.pdbx_seq_one_letter_code
;RSEYVAPRSVWEARLAQVWEQVLNVPQVGALDDFFALGGHSLRAMRVLSSMHNEYQVDIPLRILFEKPTIQELAAFIEET
AKGNVFSIEPVQKQAYYPVSSAQKRMYILDQFEGVGISYNMPSTMLIEGKLERTRVEAAFQRLIARHESLRTSFAVVNGE
PVQNIHEDVPFALAYSEVTEEEARELVSSLVQPFDLEVAPLIRVSLLKIGEDRYVLFTDMHHSISDGVSSGILLAEWVQL
YQGDVLPELRIQYKDFAVWQQEFSQSAAFHKQEAYWLQTFADDIPVLNLPTDFTRPSTQSFAGDQCTIGAGKALTEGLHQ
LAQATGTTLYMVLLAAYNVLLAKYAGQEDIIVGTPITGRSHADLEPIVGMFVNTLAMRNKPQREKTFSEFLQEVKQNALD
AYGHQDYPFEELVEKLAIARDLSRNPLFDTVFTFQNSTEEVMTLPECTLAPFMTDETGQHAKFDLTFSATEEREEMTIGV
EYSTSLFTRETMERFSRHFLTIAASIVQNPHIRLGEIDML
;
_entity_poly.pdbx_strand_id   A
#
# COMPACT_ATOMS: atom_id res chain seq x y z
N ARG A 1 -1.90 34.83 -2.50
CA ARG A 1 -2.06 33.36 -2.36
C ARG A 1 -2.90 32.73 -3.47
N SER A 2 -2.33 31.72 -4.13
CA SER A 2 -3.10 30.89 -5.04
C SER A 2 -4.06 30.03 -4.23
N GLU A 3 -5.12 29.56 -4.89
CA GLU A 3 -6.00 28.55 -4.33
C GLU A 3 -5.17 27.37 -3.81
N TYR A 4 -5.52 26.87 -2.63
CA TYR A 4 -4.76 25.76 -2.05
C TYR A 4 -5.16 24.45 -2.68
N VAL A 5 -4.17 23.75 -3.21
CA VAL A 5 -4.30 22.37 -3.65
C VAL A 5 -3.27 21.55 -2.89
N ALA A 6 -3.74 20.58 -2.10
CA ALA A 6 -2.83 19.79 -1.26
C ALA A 6 -1.89 18.96 -2.14
N PRO A 7 -0.64 18.74 -1.70
CA PRO A 7 0.30 17.92 -2.47
C PRO A 7 -0.31 16.59 -2.91
N ARG A 8 -0.10 16.21 -4.17
CA ARG A 8 -0.75 15.03 -4.76
C ARG A 8 0.25 13.93 -5.14
N SER A 9 1.53 14.21 -4.92
CA SER A 9 2.59 13.27 -5.27
C SER A 9 3.71 13.43 -4.29
N VAL A 10 4.64 12.48 -4.31
CA VAL A 10 5.78 12.53 -3.41
C VAL A 10 6.63 13.79 -3.63
N TRP A 11 6.88 14.18 -4.87
CA TRP A 11 7.72 15.36 -5.12
C TRP A 11 6.98 16.67 -4.79
N GLU A 12 5.66 16.71 -4.97
CA GLU A 12 4.89 17.87 -4.54
C GLU A 12 4.97 18.03 -3.02
N ALA A 13 4.87 16.90 -2.30
CA ALA A 13 4.98 16.91 -0.84
C ALA A 13 6.38 17.36 -0.39
N ARG A 14 7.42 16.77 -0.97
CA ARG A 14 8.79 17.10 -0.60
C ARG A 14 9.11 18.57 -0.84
N LEU A 15 8.76 19.05 -2.03
CA LEU A 15 9.00 20.44 -2.38
C LEU A 15 8.25 21.41 -1.50
N ALA A 16 6.97 21.14 -1.28
CA ALA A 16 6.11 22.03 -0.49
C ALA A 16 6.68 22.21 0.90
N GLN A 17 7.14 21.11 1.50
CA GLN A 17 7.79 21.11 2.81
C GLN A 17 9.03 22.00 2.84
N VAL A 18 9.88 21.86 1.83
CA VAL A 18 11.07 22.69 1.71
C VAL A 18 10.73 24.19 1.53
N TRP A 19 9.74 24.50 0.68
CA TRP A 19 9.35 25.90 0.48
C TRP A 19 8.84 26.53 1.77
N GLU A 20 8.03 25.78 2.52
CA GLU A 20 7.50 26.26 3.81
C GLU A 20 8.63 26.63 4.77
N GLN A 21 9.64 25.77 4.86
CA GLN A 21 10.80 26.03 5.72
C GLN A 21 11.61 27.22 5.24
N VAL A 22 11.92 27.26 3.95
CA VAL A 22 12.77 28.31 3.40
C VAL A 22 12.07 29.68 3.40
N LEU A 23 10.80 29.69 3.00
CA LEU A 23 10.03 30.94 2.95
C LEU A 23 9.42 31.36 4.28
N ASN A 24 9.33 30.42 5.23
CA ASN A 24 8.60 30.63 6.47
C ASN A 24 7.15 31.03 6.17
N VAL A 25 6.51 30.26 5.29
CA VAL A 25 5.11 30.46 4.96
C VAL A 25 4.43 29.11 5.12
N PRO A 26 3.24 29.08 5.75
CA PRO A 26 2.55 27.80 5.97
C PRO A 26 1.65 27.35 4.81
N GLN A 27 1.38 26.05 4.74
CA GLN A 27 0.36 25.50 3.85
C GLN A 27 0.62 25.76 2.36
N VAL A 28 1.84 25.48 1.92
CA VAL A 28 2.21 25.61 0.51
C VAL A 28 1.57 24.47 -0.28
N GLY A 29 0.87 24.82 -1.35
CA GLY A 29 0.14 23.87 -2.16
C GLY A 29 0.65 23.79 -3.59
N ALA A 30 0.02 22.91 -4.37
CA ALA A 30 0.49 22.59 -5.71
C ALA A 30 0.49 23.77 -6.70
N LEU A 31 -0.40 24.75 -6.49
CA LEU A 31 -0.51 25.89 -7.39
C LEU A 31 0.30 27.11 -6.93
N ASP A 32 0.92 27.02 -5.75
CA ASP A 32 1.64 28.18 -5.21
C ASP A 32 2.88 28.50 -6.05
N ASP A 33 3.13 29.79 -6.26
CA ASP A 33 4.26 30.27 -7.04
C ASP A 33 5.30 30.86 -6.07
N PHE A 34 6.53 30.39 -6.19
CA PHE A 34 7.62 30.75 -5.26
C PHE A 34 7.80 32.25 -5.11
N PHE A 35 7.70 32.96 -6.22
CA PHE A 35 7.96 34.39 -6.25
C PHE A 35 6.72 35.18 -5.82
N ALA A 36 5.54 34.65 -6.12
CA ALA A 36 4.29 35.23 -5.59
C ALA A 36 4.25 35.12 -4.06
N LEU A 37 4.82 34.04 -3.53
CA LEU A 37 4.87 33.82 -2.08
C LEU A 37 5.92 34.69 -1.37
N GLY A 38 6.70 35.45 -2.14
CA GLY A 38 7.65 36.41 -1.59
C GLY A 38 9.12 36.03 -1.73
N GLY A 39 9.40 34.87 -2.33
CA GLY A 39 10.78 34.45 -2.57
C GLY A 39 11.43 35.30 -3.64
N HIS A 40 12.74 35.51 -3.51
CA HIS A 40 13.56 36.10 -4.58
C HIS A 40 14.79 35.21 -4.80
N SER A 41 15.82 35.74 -5.45
CA SER A 41 17.01 34.96 -5.83
C SER A 41 17.69 34.27 -4.66
N LEU A 42 17.85 34.97 -3.53
CA LEU A 42 18.53 34.42 -2.36
C LEU A 42 17.83 33.17 -1.83
N ARG A 43 16.52 33.27 -1.61
CA ARG A 43 15.77 32.15 -1.04
C ARG A 43 15.50 31.04 -2.08
N ALA A 44 15.47 31.39 -3.37
CA ALA A 44 15.42 30.38 -4.43
C ALA A 44 16.67 29.50 -4.39
N MET A 45 17.84 30.12 -4.21
CA MET A 45 19.09 29.38 -4.07
C MET A 45 19.08 28.50 -2.82
N ARG A 46 18.44 28.98 -1.75
CA ARG A 46 18.27 28.18 -0.53
C ARG A 46 17.38 26.95 -0.77
N VAL A 47 16.34 27.09 -1.60
CA VAL A 47 15.49 25.96 -1.95
C VAL A 47 16.30 24.91 -2.71
N LEU A 48 17.12 25.35 -3.66
CA LEU A 48 17.99 24.46 -4.41
C LEU A 48 18.95 23.72 -3.47
N SER A 49 19.54 24.47 -2.54
CA SER A 49 20.45 23.89 -1.55
C SER A 49 19.77 22.86 -0.68
N SER A 50 18.57 23.20 -0.19
CA SER A 50 17.80 22.29 0.68
C SER A 50 17.42 20.98 0.01
N MET A 51 17.00 21.06 -1.26
CA MET A 51 16.65 19.86 -2.02
C MET A 51 17.87 19.00 -2.30
N HIS A 52 19.02 19.63 -2.49
CA HIS A 52 20.28 18.89 -2.65
C HIS A 52 20.65 18.18 -1.34
N ASN A 53 20.54 18.88 -0.22
CA ASN A 53 20.91 18.30 1.07
C ASN A 53 19.98 17.19 1.55
N GLU A 54 18.68 17.40 1.43
CA GLU A 54 17.70 16.43 1.94
C GLU A 54 17.50 15.27 0.97
N TYR A 55 17.50 15.55 -0.34
CA TYR A 55 17.11 14.54 -1.35
C TYR A 55 18.14 14.25 -2.43
N GLN A 56 19.31 14.90 -2.40
CA GLN A 56 20.33 14.74 -3.45
C GLN A 56 19.75 14.90 -4.85
N VAL A 57 18.87 15.89 -5.00
CA VAL A 57 18.32 16.24 -6.29
C VAL A 57 18.80 17.63 -6.62
N ASP A 58 19.45 17.78 -7.76
CA ASP A 58 20.07 19.04 -8.16
C ASP A 58 19.16 19.75 -9.17
N ILE A 59 18.48 20.79 -8.69
CA ILE A 59 17.55 21.55 -9.52
C ILE A 59 18.29 22.80 -9.99
N PRO A 60 18.49 22.96 -11.30
CA PRO A 60 19.15 24.18 -11.77
C PRO A 60 18.32 25.40 -11.40
N LEU A 61 18.99 26.51 -11.07
CA LEU A 61 18.27 27.73 -10.70
C LEU A 61 17.36 28.17 -11.85
N ARG A 62 17.86 28.06 -13.07
CA ARG A 62 17.08 28.37 -14.28
C ARG A 62 15.73 27.66 -14.35
N ILE A 63 15.67 26.42 -13.87
CA ILE A 63 14.44 25.65 -13.88
C ILE A 63 13.43 26.15 -12.84
N LEU A 64 13.91 26.55 -11.66
CA LEU A 64 13.02 27.14 -10.65
C LEU A 64 12.38 28.43 -11.19
N PHE A 65 13.17 29.24 -11.89
CA PHE A 65 12.61 30.41 -12.54
C PHE A 65 11.60 30.03 -13.62
N GLU A 66 11.96 29.04 -14.43
CA GLU A 66 11.14 28.57 -15.55
C GLU A 66 9.88 27.87 -15.07
N LYS A 67 10.00 27.11 -13.98
CA LYS A 67 8.92 26.29 -13.44
C LYS A 67 8.66 26.73 -11.99
N PRO A 68 8.04 27.92 -11.82
CA PRO A 68 7.96 28.55 -10.49
C PRO A 68 6.87 28.06 -9.55
N THR A 69 6.07 27.07 -9.96
CA THR A 69 5.03 26.53 -9.11
C THR A 69 5.38 25.11 -8.67
N ILE A 70 4.86 24.70 -7.52
CA ILE A 70 5.11 23.36 -6.98
C ILE A 70 4.80 22.27 -8.00
N GLN A 71 3.66 22.36 -8.68
CA GLN A 71 3.26 21.29 -9.60
C GLN A 71 4.19 21.21 -10.80
N GLU A 72 4.64 22.34 -11.31
CA GLU A 72 5.54 22.34 -12.46
C GLU A 72 6.91 21.80 -12.09
N LEU A 73 7.42 22.21 -10.93
CA LEU A 73 8.76 21.82 -10.50
C LEU A 73 8.79 20.35 -10.10
N ALA A 74 7.74 19.87 -9.45
CA ALA A 74 7.60 18.44 -9.16
C ALA A 74 7.58 17.60 -10.44
N ALA A 75 6.82 18.04 -11.43
CA ALA A 75 6.78 17.38 -12.74
C ALA A 75 8.18 17.32 -13.38
N PHE A 76 8.91 18.42 -13.30
CA PHE A 76 10.28 18.44 -13.82
C PHE A 76 11.15 17.36 -13.14
N ILE A 77 11.08 17.27 -11.82
CA ILE A 77 11.87 16.27 -11.07
C ILE A 77 11.47 14.86 -11.47
N GLU A 78 10.16 14.63 -11.63
CA GLU A 78 9.65 13.32 -12.06
C GLU A 78 10.15 12.90 -13.44
N GLU A 79 10.37 13.87 -14.31
CA GLU A 79 10.72 13.59 -15.71
C GLU A 79 12.22 13.67 -15.97
N THR A 80 13.01 13.94 -14.93
CA THR A 80 14.45 14.20 -15.09
C THR A 80 15.29 13.16 -14.35
N ALA A 81 16.12 12.44 -15.10
CA ALA A 81 17.05 11.46 -14.52
C ALA A 81 18.34 12.12 -14.06
N LYS A 82 18.75 13.17 -14.76
CA LYS A 82 20.01 13.85 -14.49
CA LYS A 82 20.01 13.87 -14.49
C LYS A 82 19.98 14.51 -13.11
N GLY A 83 21.01 14.28 -12.31
CA GLY A 83 21.11 14.86 -10.97
C GLY A 83 19.92 14.52 -10.09
N ASN A 84 19.38 13.30 -10.26
CA ASN A 84 18.25 12.82 -9.48
C ASN A 84 18.52 11.37 -9.08
N VAL A 85 18.91 11.17 -7.82
CA VAL A 85 19.27 9.83 -7.35
C VAL A 85 18.05 8.92 -7.18
N PHE A 86 16.84 9.48 -7.31
CA PHE A 86 15.58 8.72 -7.23
C PHE A 86 15.12 8.17 -8.58
N SER A 87 15.81 8.53 -9.64
CA SER A 87 15.40 8.15 -11.00
C SER A 87 15.62 6.66 -11.25
N ILE A 88 14.60 5.99 -11.77
CA ILE A 88 14.68 4.57 -12.12
C ILE A 88 14.70 4.42 -13.64
N GLU A 89 15.82 3.94 -14.17
CA GLU A 89 16.01 3.78 -15.61
C GLU A 89 16.29 2.31 -15.95
N PRO A 90 16.11 1.90 -17.23
CA PRO A 90 16.45 0.54 -17.64
C PRO A 90 17.89 0.19 -17.31
N VAL A 91 18.12 -1.00 -16.76
CA VAL A 91 19.45 -1.40 -16.30
C VAL A 91 20.18 -2.24 -17.32
N GLN A 92 21.51 -2.28 -17.23
CA GLN A 92 22.33 -3.10 -18.10
C GLN A 92 22.09 -4.58 -17.84
N LYS A 93 22.09 -5.38 -18.90
CA LYS A 93 21.84 -6.82 -18.78
C LYS A 93 22.90 -7.48 -17.91
N GLN A 94 22.45 -8.42 -17.08
CA GLN A 94 23.31 -9.07 -16.10
C GLN A 94 22.82 -10.51 -15.90
N ALA A 95 23.69 -11.38 -15.38
CA ALA A 95 23.35 -12.79 -15.17
C ALA A 95 22.25 -12.94 -14.13
N TYR A 96 22.35 -12.15 -13.06
CA TYR A 96 21.35 -12.11 -12.00
C TYR A 96 21.14 -10.66 -11.60
N TYR A 97 20.05 -10.40 -10.89
CA TYR A 97 19.74 -9.06 -10.42
C TYR A 97 19.45 -9.10 -8.93
N PRO A 98 19.78 -8.02 -8.21
CA PRO A 98 19.47 -8.05 -6.78
C PRO A 98 17.97 -8.18 -6.55
N VAL A 99 17.59 -8.82 -5.44
CA VAL A 99 16.21 -8.75 -5.00
C VAL A 99 15.94 -7.41 -4.32
N SER A 100 14.69 -6.98 -4.32
CA SER A 100 14.27 -5.86 -3.50
C SER A 100 14.31 -6.26 -2.02
N SER A 101 14.28 -5.26 -1.15
CA SER A 101 14.25 -5.49 0.29
C SER A 101 13.09 -6.40 0.69
N ALA A 102 11.91 -6.13 0.14
CA ALA A 102 10.71 -6.94 0.43
C ALA A 102 10.86 -8.39 -0.05
N GLN A 103 11.37 -8.57 -1.26
CA GLN A 103 11.67 -9.92 -1.77
C GLN A 103 12.67 -10.67 -0.88
N LYS A 104 13.68 -9.96 -0.40
CA LYS A 104 14.71 -10.59 0.42
C LYS A 104 14.11 -11.21 1.68
N ARG A 105 13.23 -10.46 2.34
CA ARG A 105 12.57 -10.92 3.55
C ARG A 105 11.69 -12.14 3.28
N MET A 106 10.90 -12.09 2.21
CA MET A 106 10.04 -13.20 1.83
C MET A 106 10.85 -14.44 1.50
N TYR A 107 11.95 -14.27 0.76
CA TYR A 107 12.81 -15.41 0.41
C TYR A 107 13.34 -16.10 1.66
N ILE A 108 13.93 -15.31 2.56
CA ILE A 108 14.53 -15.83 3.79
C ILE A 108 13.50 -16.54 4.66
N LEU A 109 12.32 -15.92 4.82
CA LEU A 109 11.26 -16.52 5.62
C LEU A 109 10.73 -17.80 4.97
N ASP A 110 10.52 -17.76 3.66
CA ASP A 110 10.08 -18.95 2.90
C ASP A 110 11.04 -20.13 3.02
N GLN A 111 12.35 -19.85 3.00
CA GLN A 111 13.38 -20.88 2.86
C GLN A 111 13.93 -21.40 4.18
N PHE A 112 14.03 -20.52 5.16
CA PHE A 112 14.63 -20.86 6.45
C PHE A 112 13.60 -20.96 7.59
N GLU A 113 12.49 -20.24 7.48
CA GLU A 113 11.49 -20.18 8.56
C GLU A 113 10.32 -21.14 8.36
N GLY A 114 10.08 -21.59 7.13
CA GLY A 114 9.01 -22.54 6.85
C GLY A 114 7.65 -21.89 6.96
N VAL A 115 7.31 -21.10 5.95
CA VAL A 115 6.12 -20.24 5.97
C VAL A 115 4.94 -20.84 5.15
N GLY A 116 4.97 -22.15 4.94
CA GLY A 116 3.89 -22.89 4.25
C GLY A 116 3.29 -22.19 3.04
N ILE A 117 2.01 -21.82 3.15
CA ILE A 117 1.30 -21.12 2.07
C ILE A 117 0.98 -19.67 2.44
N SER A 118 1.70 -19.13 3.42
CA SER A 118 1.41 -17.77 3.91
C SER A 118 1.71 -16.67 2.88
N TYR A 119 2.63 -16.94 1.94
CA TYR A 119 2.93 -15.98 0.87
C TYR A 119 2.20 -16.31 -0.45
N ASN A 120 1.25 -17.23 -0.41
CA ASN A 120 0.40 -17.47 -1.55
C ASN A 120 -0.62 -16.34 -1.73
N MET A 121 -1.05 -16.14 -2.97
CA MET A 121 -2.05 -15.15 -3.32
C MET A 121 -3.12 -15.80 -4.18
N PRO A 122 -3.93 -16.69 -3.60
CA PRO A 122 -4.95 -17.38 -4.37
C PRO A 122 -6.19 -16.52 -4.64
N SER A 123 -6.80 -16.73 -5.80
CA SER A 123 -8.10 -16.12 -6.13
C SER A 123 -8.94 -17.12 -6.91
N THR A 124 -10.25 -16.96 -6.82
CA THR A 124 -11.20 -17.76 -7.58
C THR A 124 -12.20 -16.83 -8.23
N MET A 125 -12.59 -17.16 -9.46
CA MET A 125 -13.53 -16.36 -10.23
C MET A 125 -14.54 -17.29 -10.86
N LEU A 126 -15.83 -16.99 -10.66
CA LEU A 126 -16.90 -17.71 -11.35
C LEU A 126 -17.10 -17.11 -12.73
N ILE A 127 -16.96 -17.94 -13.76
CA ILE A 127 -17.16 -17.52 -15.14
C ILE A 127 -18.39 -18.22 -15.71
N GLU A 128 -19.40 -17.43 -16.05
CA GLU A 128 -20.64 -17.95 -16.61
C GLU A 128 -20.78 -17.48 -18.05
N GLY A 129 -20.70 -18.44 -18.98
CA GLY A 129 -20.72 -18.14 -20.40
C GLY A 129 -19.99 -19.22 -21.19
N LYS A 130 -19.71 -18.93 -22.45
CA LYS A 130 -19.16 -19.95 -23.36
C LYS A 130 -17.77 -20.43 -22.93
N LEU A 131 -16.81 -19.51 -22.92
CA LEU A 131 -15.43 -19.74 -22.46
C LEU A 131 -14.67 -20.85 -23.21
N GLU A 132 -13.55 -20.49 -23.83
CA GLU A 132 -12.69 -21.45 -24.52
C GLU A 132 -11.44 -21.71 -23.68
N ARG A 133 -11.23 -22.97 -23.29
CA ARG A 133 -10.13 -23.30 -22.38
C ARG A 133 -8.76 -23.02 -22.98
N THR A 134 -8.60 -23.21 -24.29
CA THR A 134 -7.32 -22.95 -24.94
C THR A 134 -6.98 -21.46 -24.98
N ARG A 135 -8.01 -20.61 -25.17
CA ARG A 135 -7.81 -19.16 -25.12
C ARG A 135 -7.46 -18.67 -23.71
N VAL A 136 -8.08 -19.27 -22.71
CA VAL A 136 -7.73 -18.98 -21.31
C VAL A 136 -6.23 -19.17 -21.14
N GLU A 137 -5.75 -20.37 -21.51
CA GLU A 137 -4.34 -20.71 -21.44
C GLU A 137 -3.45 -19.73 -22.20
N ALA A 138 -3.86 -19.41 -23.43
CA ALA A 138 -3.09 -18.53 -24.32
C ALA A 138 -2.92 -17.12 -23.74
N ALA A 139 -3.96 -16.61 -23.10
CA ALA A 139 -3.91 -15.30 -22.47
C ALA A 139 -2.89 -15.29 -21.33
N PHE A 140 -2.88 -16.36 -20.51
CA PHE A 140 -1.88 -16.48 -19.44
C PHE A 140 -0.46 -16.62 -19.98
N GLN A 141 -0.30 -17.32 -21.09
CA GLN A 141 1.01 -17.48 -21.70
C GLN A 141 1.55 -16.13 -22.16
N ARG A 142 0.67 -15.32 -22.76
CA ARG A 142 1.03 -13.96 -23.14
C ARG A 142 1.36 -13.09 -21.92
N LEU A 143 0.57 -13.22 -20.86
CA LEU A 143 0.84 -12.48 -19.61
C LEU A 143 2.21 -12.82 -19.06
N ILE A 144 2.54 -14.11 -19.06
CA ILE A 144 3.83 -14.59 -18.59
C ILE A 144 4.96 -14.04 -19.46
N ALA A 145 4.76 -14.03 -20.78
CA ALA A 145 5.72 -13.41 -21.70
C ALA A 145 5.87 -11.91 -21.45
N ARG A 146 4.76 -11.25 -21.13
CA ARG A 146 4.74 -9.79 -20.95
C ARG A 146 5.42 -9.32 -19.66
N HIS A 147 5.17 -10.03 -18.57
CA HIS A 147 5.59 -9.59 -17.24
C HIS A 147 6.79 -10.38 -16.73
N GLU A 148 7.95 -9.74 -16.65
CA GLU A 148 9.19 -10.40 -16.24
C GLU A 148 9.09 -11.05 -14.87
N SER A 149 8.27 -10.49 -13.99
CA SER A 149 8.07 -11.06 -12.66
C SER A 149 7.49 -12.49 -12.75
N LEU A 150 6.71 -12.75 -13.79
CA LEU A 150 6.17 -14.10 -14.02
C LEU A 150 7.17 -15.06 -14.69
N ARG A 151 8.36 -14.56 -14.99
CA ARG A 151 9.44 -15.40 -15.51
C ARG A 151 10.67 -15.33 -14.59
N THR A 152 10.44 -14.93 -13.34
CA THR A 152 11.52 -14.76 -12.37
C THR A 152 11.56 -15.93 -11.40
N SER A 153 12.74 -16.49 -11.21
CA SER A 153 12.99 -17.46 -10.16
C SER A 153 14.04 -16.85 -9.24
N PHE A 154 14.31 -17.52 -8.12
CA PHE A 154 15.30 -17.00 -7.17
C PHE A 154 16.38 -18.04 -6.95
N ALA A 155 17.60 -17.54 -6.74
CA ALA A 155 18.74 -18.37 -6.39
C ALA A 155 19.54 -17.61 -5.34
N VAL A 156 20.49 -18.29 -4.70
CA VAL A 156 21.41 -17.64 -3.79
C VAL A 156 22.76 -17.51 -4.50
N VAL A 157 23.22 -16.27 -4.66
CA VAL A 157 24.49 -16.00 -5.33
C VAL A 157 25.27 -15.06 -4.44
N ASN A 158 26.52 -15.44 -4.16
CA ASN A 158 27.35 -14.72 -3.21
C ASN A 158 26.58 -14.37 -1.93
N GLY A 159 25.89 -15.37 -1.38
CA GLY A 159 25.22 -15.25 -0.08
C GLY A 159 23.95 -14.44 0.00
N GLU A 160 23.46 -13.98 -1.16
CA GLU A 160 22.26 -13.16 -1.23
C GLU A 160 21.25 -13.86 -2.12
N PRO A 161 19.95 -13.77 -1.75
CA PRO A 161 18.93 -14.14 -2.71
C PRO A 161 19.05 -13.20 -3.91
N VAL A 162 18.89 -13.72 -5.12
CA VAL A 162 18.91 -12.90 -6.32
C VAL A 162 17.81 -13.33 -7.27
N GLN A 163 17.40 -12.40 -8.13
CA GLN A 163 16.41 -12.66 -9.16
C GLN A 163 17.07 -13.24 -10.38
N ASN A 164 16.53 -14.36 -10.86
CA ASN A 164 16.98 -15.02 -12.06
C ASN A 164 15.86 -14.88 -13.09
N ILE A 165 16.08 -14.06 -14.10
CA ILE A 165 15.04 -13.74 -15.09
C ILE A 165 15.19 -14.68 -16.26
N HIS A 166 14.13 -15.41 -16.59
CA HIS A 166 14.18 -16.39 -17.67
C HIS A 166 13.53 -15.88 -18.95
N GLU A 167 14.31 -15.99 -20.02
CA GLU A 167 13.88 -15.85 -21.40
C GLU A 167 12.45 -16.35 -21.68
N ASP A 168 12.27 -17.66 -21.53
CA ASP A 168 10.98 -18.34 -21.73
C ASP A 168 10.79 -19.31 -20.58
N VAL A 169 9.55 -19.62 -20.24
CA VAL A 169 9.24 -20.59 -19.18
C VAL A 169 8.07 -21.48 -19.58
N PRO A 170 8.02 -22.72 -19.05
CA PRO A 170 6.91 -23.63 -19.36
C PRO A 170 5.66 -23.29 -18.56
N PHE A 171 4.52 -23.33 -19.23
CA PHE A 171 3.23 -23.12 -18.55
C PHE A 171 2.13 -23.88 -19.27
N ALA A 172 1.32 -24.60 -18.52
CA ALA A 172 0.09 -25.20 -19.03
C ALA A 172 -1.06 -24.94 -18.07
N LEU A 173 -2.22 -24.64 -18.64
CA LEU A 173 -3.46 -24.53 -17.89
C LEU A 173 -3.87 -25.93 -17.41
N ALA A 174 -4.13 -26.05 -16.11
CA ALA A 174 -4.63 -27.31 -15.53
C ALA A 174 -6.15 -27.35 -15.64
N TYR A 175 -6.67 -28.26 -16.46
CA TYR A 175 -8.11 -28.35 -16.69
C TYR A 175 -8.73 -29.55 -15.99
N SER A 176 -9.87 -29.34 -15.33
CA SER A 176 -10.61 -30.40 -14.69
C SER A 176 -12.11 -30.15 -14.80
N GLU A 177 -12.90 -31.23 -14.70
CA GLU A 177 -14.35 -31.14 -14.67
C GLU A 177 -14.85 -31.72 -13.35
N VAL A 178 -15.48 -30.88 -12.54
CA VAL A 178 -15.91 -31.26 -11.20
C VAL A 178 -17.29 -30.69 -10.90
N THR A 179 -17.92 -31.20 -9.83
CA THR A 179 -19.15 -30.61 -9.31
C THR A 179 -18.84 -29.26 -8.68
N GLU A 180 -19.84 -28.39 -8.59
CA GLU A 180 -19.65 -27.10 -7.92
C GLU A 180 -19.17 -27.28 -6.48
N GLU A 181 -19.82 -28.18 -5.75
CA GLU A 181 -19.43 -28.45 -4.36
C GLU A 181 -18.02 -29.04 -4.27
N GLU A 182 -17.66 -29.90 -5.21
CA GLU A 182 -16.28 -30.40 -5.30
C GLU A 182 -15.30 -29.26 -5.57
N ALA A 183 -15.70 -28.30 -6.39
CA ALA A 183 -14.87 -27.13 -6.68
C ALA A 183 -14.56 -26.33 -5.41
N ARG A 184 -15.56 -26.22 -4.52
CA ARG A 184 -15.40 -25.47 -3.28
C ARG A 184 -14.30 -26.04 -2.36
N GLU A 185 -14.18 -27.36 -2.30
CA GLU A 185 -13.12 -27.98 -1.48
C GLU A 185 -11.79 -27.96 -2.23
N LEU A 186 -11.83 -28.24 -3.53
CA LEU A 186 -10.60 -28.20 -4.34
C LEU A 186 -9.86 -26.89 -4.21
N VAL A 187 -10.59 -25.80 -4.36
CA VAL A 187 -10.05 -24.43 -4.33
C VAL A 187 -9.15 -24.16 -3.11
N SER A 188 -9.44 -24.83 -2.00
CA SER A 188 -8.60 -24.72 -0.81
C SER A 188 -7.38 -25.65 -0.91
N SER A 189 -7.59 -26.88 -1.36
CA SER A 189 -6.49 -27.85 -1.47
C SER A 189 -5.49 -27.49 -2.58
N LEU A 190 -5.95 -26.73 -3.57
CA LEU A 190 -5.07 -26.30 -4.68
C LEU A 190 -4.08 -25.21 -4.26
N VAL A 191 -4.28 -24.59 -3.10
CA VAL A 191 -3.34 -23.63 -2.56
C VAL A 191 -2.16 -24.38 -1.95
N GLN A 192 -1.02 -24.32 -2.63
CA GLN A 192 0.14 -25.15 -2.29
C GLN A 192 1.40 -24.30 -2.44
N PRO A 193 2.47 -24.71 -1.74
CA PRO A 193 3.71 -23.94 -1.80
C PRO A 193 4.35 -23.92 -3.19
N PHE A 194 5.18 -22.92 -3.41
CA PHE A 194 5.92 -22.75 -4.64
C PHE A 194 7.38 -23.05 -4.37
N ASP A 195 8.01 -23.75 -5.31
CA ASP A 195 9.46 -23.85 -5.34
C ASP A 195 9.99 -22.56 -5.95
N LEU A 196 10.68 -21.76 -5.14
CA LEU A 196 11.14 -20.44 -5.57
C LEU A 196 12.22 -20.48 -6.65
N GLU A 197 12.81 -21.66 -6.87
CA GLU A 197 13.83 -21.87 -7.91
C GLU A 197 13.25 -22.10 -9.30
N VAL A 198 11.93 -22.17 -9.41
CA VAL A 198 11.27 -22.57 -10.65
C VAL A 198 10.23 -21.55 -11.08
N ALA A 199 10.53 -20.84 -12.17
CA ALA A 199 9.57 -19.96 -12.81
C ALA A 199 8.74 -20.79 -13.79
N PRO A 200 7.47 -20.40 -14.03
CA PRO A 200 6.76 -19.25 -13.48
C PRO A 200 6.18 -19.50 -12.09
N LEU A 201 6.23 -18.50 -11.23
CA LEU A 201 5.61 -18.58 -9.91
C LEU A 201 4.13 -18.19 -9.96
N ILE A 202 3.44 -18.72 -10.95
CA ILE A 202 2.00 -18.56 -11.08
C ILE A 202 1.46 -19.88 -11.60
N ARG A 203 0.30 -20.28 -11.08
CA ARG A 203 -0.36 -21.49 -11.56
C ARG A 203 -1.85 -21.24 -11.70
N VAL A 204 -2.46 -21.96 -12.63
CA VAL A 204 -3.86 -21.73 -12.98
C VAL A 204 -4.56 -23.07 -13.15
N SER A 205 -5.73 -23.20 -12.54
CA SER A 205 -6.62 -24.34 -12.76
C SER A 205 -7.96 -23.81 -13.26
N LEU A 206 -8.44 -24.37 -14.37
CA LEU A 206 -9.78 -24.09 -14.87
C LEU A 206 -10.68 -25.28 -14.57
N LEU A 207 -11.72 -25.06 -13.76
CA LEU A 207 -12.63 -26.12 -13.36
C LEU A 207 -13.99 -25.89 -13.97
N LYS A 208 -14.40 -26.77 -14.88
CA LYS A 208 -15.74 -26.77 -15.44
C LYS A 208 -16.70 -27.39 -14.42
N ILE A 209 -17.61 -26.57 -13.91
CA ILE A 209 -18.58 -27.02 -12.91
C ILE A 209 -19.98 -27.23 -13.49
N GLY A 210 -20.15 -26.82 -14.75
CA GLY A 210 -21.40 -27.02 -15.45
C GLY A 210 -21.34 -26.56 -16.90
N GLU A 211 -22.31 -27.04 -17.67
CA GLU A 211 -22.65 -26.56 -19.01
C GLU A 211 -21.83 -25.35 -19.48
N ASP A 212 -22.19 -24.14 -19.03
CA ASP A 212 -21.45 -22.92 -19.37
C ASP A 212 -20.99 -22.24 -18.08
N ARG A 213 -20.46 -23.03 -17.16
CA ARG A 213 -20.07 -22.53 -15.85
C ARG A 213 -18.68 -23.06 -15.51
N TYR A 214 -17.78 -22.14 -15.16
CA TYR A 214 -16.40 -22.48 -14.84
C TYR A 214 -15.93 -21.71 -13.60
N VAL A 215 -15.00 -22.31 -12.86
CA VAL A 215 -14.27 -21.59 -11.82
C VAL A 215 -12.81 -21.51 -12.22
N LEU A 216 -12.30 -20.29 -12.31
CA LEU A 216 -10.89 -20.07 -12.61
C LEU A 216 -10.13 -19.87 -11.31
N PHE A 217 -9.24 -20.82 -11.01
CA PHE A 217 -8.38 -20.72 -9.84
C PHE A 217 -7.00 -20.24 -10.26
N THR A 218 -6.51 -19.18 -9.64
CA THR A 218 -5.19 -18.64 -9.93
C THR A 218 -4.43 -18.45 -8.62
N ASP A 219 -3.15 -18.79 -8.62
CA ASP A 219 -2.31 -18.58 -7.43
C ASP A 219 -0.93 -18.14 -7.90
N MET A 220 -0.28 -17.33 -7.08
CA MET A 220 1.06 -16.87 -7.39
C MET A 220 1.74 -16.52 -6.08
N HIS A 221 3.06 -16.42 -6.12
CA HIS A 221 3.83 -16.19 -4.93
C HIS A 221 4.01 -14.69 -4.70
N HIS A 222 3.89 -14.26 -3.45
CA HIS A 222 3.88 -12.83 -3.13
C HIS A 222 5.22 -12.12 -3.41
N SER A 223 6.28 -12.89 -3.62
CA SER A 223 7.59 -12.33 -3.97
C SER A 223 7.64 -11.70 -5.36
N ILE A 224 6.68 -12.03 -6.22
CA ILE A 224 6.64 -11.49 -7.59
C ILE A 224 5.33 -10.75 -7.91
N SER A 225 4.56 -10.42 -6.88
CA SER A 225 3.27 -9.77 -7.08
C SER A 225 2.82 -9.00 -5.84
N ASP A 226 1.68 -8.32 -5.97
CA ASP A 226 0.98 -7.71 -4.84
C ASP A 226 -0.46 -7.40 -5.24
N GLY A 227 -1.22 -6.81 -4.33
CA GLY A 227 -2.63 -6.53 -4.56
C GLY A 227 -2.88 -5.77 -5.84
N VAL A 228 -2.15 -4.68 -6.03
CA VAL A 228 -2.24 -3.90 -7.26
C VAL A 228 -1.86 -4.75 -8.49
N SER A 229 -0.81 -5.58 -8.39
CA SER A 229 -0.39 -6.40 -9.52
C SER A 229 -1.47 -7.41 -9.93
N SER A 230 -2.15 -8.00 -8.94
CA SER A 230 -3.26 -8.92 -9.22
C SER A 230 -4.38 -8.25 -9.99
N GLY A 231 -4.65 -6.98 -9.67
CA GLY A 231 -5.64 -6.20 -10.41
C GLY A 231 -5.22 -6.00 -11.85
N ILE A 232 -3.95 -5.66 -12.05
CA ILE A 232 -3.36 -5.50 -13.38
C ILE A 232 -3.46 -6.81 -14.18
N LEU A 233 -3.03 -7.90 -13.54
CA LEU A 233 -3.10 -9.24 -14.15
C LEU A 233 -4.51 -9.64 -14.58
N LEU A 234 -5.50 -9.36 -13.73
CA LEU A 234 -6.90 -9.64 -14.06
C LEU A 234 -7.38 -8.81 -15.26
N ALA A 235 -7.13 -7.51 -15.21
CA ALA A 235 -7.56 -6.59 -16.26
C ALA A 235 -6.93 -6.97 -17.59
N GLU A 236 -5.64 -7.26 -17.56
CA GLU A 236 -4.89 -7.57 -18.78
C GLU A 236 -5.22 -8.96 -19.33
N TRP A 237 -5.55 -9.89 -18.44
CA TRP A 237 -5.99 -11.21 -18.86
C TRP A 237 -7.28 -11.10 -19.68
N VAL A 238 -8.23 -10.32 -19.16
CA VAL A 238 -9.50 -10.05 -19.84
C VAL A 238 -9.29 -9.41 -21.21
N GLN A 239 -8.39 -8.43 -21.26
CA GLN A 239 -8.05 -7.75 -22.51
C GLN A 239 -7.38 -8.70 -23.51
N LEU A 240 -6.40 -9.47 -23.03
CA LEU A 240 -5.68 -10.43 -23.88
C LEU A 240 -6.58 -11.53 -24.42
N TYR A 241 -7.51 -12.02 -23.59
CA TYR A 241 -8.50 -13.01 -24.02
C TYR A 241 -9.35 -12.47 -25.18
N GLN A 242 -9.65 -11.17 -25.15
CA GLN A 242 -10.39 -10.51 -26.22
C GLN A 242 -9.52 -10.19 -27.44
N GLY A 243 -8.21 -10.39 -27.31
CA GLY A 243 -7.27 -10.16 -28.40
C GLY A 243 -6.75 -8.73 -28.50
N ASP A 244 -6.89 -7.97 -27.41
CA ASP A 244 -6.43 -6.58 -27.37
C ASP A 244 -4.92 -6.52 -27.29
N VAL A 245 -4.37 -5.41 -27.78
CA VAL A 245 -2.93 -5.14 -27.71
C VAL A 245 -2.66 -4.21 -26.54
N LEU A 246 -1.74 -4.61 -25.67
CA LEU A 246 -1.45 -3.85 -24.46
C LEU A 246 -0.26 -2.92 -24.67
N PRO A 247 -0.22 -1.78 -23.95
CA PRO A 247 0.85 -0.80 -24.11
C PRO A 247 2.19 -1.30 -23.57
N GLU A 248 3.29 -0.88 -24.19
CA GLU A 248 4.61 -1.37 -23.82
C GLU A 248 5.02 -0.90 -22.43
N LEU A 249 5.75 -1.76 -21.71
CA LEU A 249 6.24 -1.44 -20.36
C LEU A 249 7.66 -0.88 -20.44
N ARG A 250 7.81 0.40 -20.09
CA ARG A 250 9.12 1.06 -20.13
C ARG A 250 10.09 0.49 -19.11
N ILE A 251 9.58 0.24 -17.91
CA ILE A 251 10.38 -0.12 -16.76
C ILE A 251 9.90 -1.45 -16.20
N GLN A 252 10.85 -2.27 -15.76
CA GLN A 252 10.51 -3.58 -15.18
CA GLN A 252 10.61 -3.62 -15.22
C GLN A 252 10.93 -3.66 -13.72
N TYR A 253 10.48 -4.72 -13.03
CA TYR A 253 10.77 -4.84 -11.61
C TYR A 253 12.26 -4.85 -11.31
N LYS A 254 13.04 -5.54 -12.14
CA LYS A 254 14.49 -5.62 -11.89
C LYS A 254 15.16 -4.25 -11.95
N ASP A 255 14.59 -3.34 -12.75
CA ASP A 255 15.08 -1.96 -12.82
C ASP A 255 14.87 -1.26 -11.47
N PHE A 256 13.69 -1.46 -10.90
CA PHE A 256 13.39 -0.94 -9.56
C PHE A 256 14.32 -1.56 -8.52
N ALA A 257 14.50 -2.88 -8.57
CA ALA A 257 15.37 -3.58 -7.60
C ALA A 257 16.84 -3.13 -7.66
N VAL A 258 17.35 -2.97 -8.87
CA VAL A 258 18.72 -2.46 -9.04
C VAL A 258 18.82 -1.04 -8.49
N TRP A 259 17.83 -0.21 -8.80
CA TRP A 259 17.80 1.16 -8.27
C TRP A 259 17.79 1.15 -6.74
N GLN A 260 16.95 0.32 -6.14
CA GLN A 260 16.84 0.30 -4.68
C GLN A 260 18.19 -0.04 -4.04
N GLN A 261 18.92 -0.98 -4.64
CA GLN A 261 20.25 -1.35 -4.14
C GLN A 261 21.25 -0.19 -4.25
N GLU A 262 21.30 0.43 -5.43
CA GLU A 262 22.15 1.61 -5.63
C GLU A 262 21.79 2.73 -4.68
N PHE A 263 20.48 3.00 -4.57
CA PHE A 263 19.97 4.07 -3.72
C PHE A 263 20.38 3.89 -2.26
N SER A 264 20.43 2.62 -1.82
CA SER A 264 20.76 2.31 -0.42
C SER A 264 22.11 2.86 0.02
N GLN A 265 23.00 3.14 -0.93
CA GLN A 265 24.34 3.68 -0.65
C GLN A 265 24.44 5.20 -0.75
N SER A 266 23.29 5.88 -0.90
CA SER A 266 23.29 7.31 -1.16
C SER A 266 23.12 8.13 0.12
N ALA A 267 23.52 9.41 0.04
CA ALA A 267 23.22 10.37 1.10
C ALA A 267 21.70 10.53 1.25
N ALA A 268 20.98 10.51 0.12
CA ALA A 268 19.52 10.61 0.12
C ALA A 268 18.88 9.51 0.96
N PHE A 269 19.36 8.28 0.82
CA PHE A 269 18.85 7.16 1.62
C PHE A 269 19.07 7.40 3.13
N HIS A 270 20.23 7.94 3.49
CA HIS A 270 20.52 8.24 4.89
C HIS A 270 19.51 9.24 5.46
N LYS A 271 19.07 10.18 4.64
CA LYS A 271 18.07 11.16 5.04
C LYS A 271 16.67 10.54 5.14
N GLN A 272 16.35 9.64 4.20
CA GLN A 272 15.08 8.88 4.30
C GLN A 272 15.06 8.11 5.60
N GLU A 273 16.16 7.44 5.91
CA GLU A 273 16.30 6.66 7.15
C GLU A 273 16.23 7.55 8.38
N ALA A 274 16.98 8.65 8.36
CA ALA A 274 17.12 9.54 9.51
C ALA A 274 15.77 10.03 10.02
N TYR A 275 14.86 10.33 9.10
CA TYR A 275 13.51 10.73 9.48
C TYR A 275 12.85 9.71 10.40
N TRP A 276 12.93 8.44 10.02
CA TRP A 276 12.27 7.37 10.76
C TRP A 276 12.96 7.05 12.08
N LEU A 277 14.29 7.12 12.09
CA LEU A 277 15.05 6.88 13.31
C LEU A 277 14.76 7.96 14.34
N GLN A 278 14.67 9.22 13.88
CA GLN A 278 14.29 10.34 14.73
C GLN A 278 12.87 10.16 15.27
N THR A 279 11.93 9.84 14.37
CA THR A 279 10.53 9.66 14.74
C THR A 279 10.33 8.64 15.87
N PHE A 280 11.14 7.59 15.90
CA PHE A 280 11.02 6.52 16.90
C PHE A 280 12.25 6.44 17.82
N ALA A 281 12.90 7.58 18.06
CA ALA A 281 14.11 7.63 18.88
C ALA A 281 13.83 7.48 20.37
N ASP A 282 12.67 7.99 20.80
CA ASP A 282 12.30 8.00 22.21
C ASP A 282 11.57 6.70 22.61
N ASP A 283 10.67 6.78 23.60
CA ASP A 283 9.95 5.61 24.10
C ASP A 283 8.84 5.20 23.14
N ILE A 284 9.02 4.06 22.46
CA ILE A 284 8.04 3.58 21.47
C ILE A 284 6.82 2.98 22.18
N PRO A 285 5.63 3.55 21.94
CA PRO A 285 4.43 3.12 22.66
C PRO A 285 3.87 1.79 22.16
N VAL A 286 3.39 0.97 23.09
CA VAL A 286 2.69 -0.27 22.76
C VAL A 286 1.19 -0.04 23.00
N LEU A 287 0.38 -0.29 21.97
CA LEU A 287 -1.07 -0.09 22.05
C LEU A 287 -1.68 -1.01 23.10
N ASN A 288 -2.43 -0.45 24.03
CA ASN A 288 -3.06 -1.21 25.09
C ASN A 288 -4.57 -1.25 24.92
N LEU A 289 -5.03 -1.89 23.85
CA LEU A 289 -6.46 -2.08 23.64
C LEU A 289 -6.98 -3.05 24.69
N PRO A 290 -8.19 -2.77 25.21
CA PRO A 290 -8.78 -3.73 26.12
C PRO A 290 -9.27 -4.90 25.30
N THR A 291 -8.97 -6.11 25.75
CA THR A 291 -9.34 -7.31 25.01
C THR A 291 -10.36 -8.09 25.82
N ASP A 292 -11.23 -8.83 25.14
CA ASP A 292 -12.23 -9.66 25.79
C ASP A 292 -11.61 -10.91 26.40
N PHE A 293 -10.51 -11.36 25.81
CA PHE A 293 -9.79 -12.53 26.29
C PHE A 293 -8.33 -12.14 26.46
N THR A 294 -7.63 -12.88 27.31
CA THR A 294 -6.22 -12.63 27.57
C THR A 294 -5.42 -12.82 26.29
N ARG A 295 -4.43 -11.96 26.08
CA ARG A 295 -3.58 -12.06 24.90
C ARG A 295 -2.76 -13.35 24.98
N PRO A 296 -2.82 -14.19 23.93
CA PRO A 296 -2.00 -15.40 23.91
C PRO A 296 -0.51 -15.08 23.94
N SER A 297 0.30 -15.98 24.49
CA SER A 297 1.74 -15.76 24.57
C SER A 297 2.45 -15.95 23.22
N THR A 298 1.77 -16.58 22.27
CA THR A 298 2.24 -16.68 20.90
C THR A 298 1.15 -16.08 20.01
N GLN A 299 1.55 -15.42 18.92
CA GLN A 299 0.56 -14.77 18.08
C GLN A 299 -0.42 -15.79 17.49
N SER A 300 -1.68 -15.38 17.49
CA SER A 300 -2.77 -16.15 16.94
C SER A 300 -3.22 -15.43 15.68
N PHE A 301 -3.39 -16.17 14.60
CA PHE A 301 -3.75 -15.57 13.32
C PHE A 301 -5.22 -15.78 12.93
N ALA A 302 -5.95 -16.54 13.75
CA ALA A 302 -7.37 -16.74 13.54
C ALA A 302 -8.06 -15.38 13.54
N GLY A 303 -8.89 -15.14 12.52
CA GLY A 303 -9.54 -13.86 12.37
C GLY A 303 -11.00 -13.98 12.01
N ASP A 304 -11.70 -12.86 12.18
CA ASP A 304 -13.05 -12.70 11.65
C ASP A 304 -13.21 -11.25 11.26
N GLN A 305 -14.35 -10.92 10.66
CA GLN A 305 -14.61 -9.57 10.17
C GLN A 305 -16.02 -9.13 10.47
N CYS A 306 -16.20 -7.82 10.63
CA CYS A 306 -17.53 -7.21 10.62
C CYS A 306 -17.49 -5.95 9.77
N THR A 307 -18.64 -5.61 9.20
CA THR A 307 -18.75 -4.45 8.31
C THR A 307 -20.02 -3.68 8.63
N ILE A 308 -19.93 -2.35 8.57
CA ILE A 308 -21.08 -1.48 8.79
C ILE A 308 -21.01 -0.26 7.88
N GLY A 309 -22.16 0.18 7.39
CA GLY A 309 -22.24 1.37 6.54
C GLY A 309 -22.26 2.64 7.35
N ALA A 310 -21.55 3.67 6.86
CA ALA A 310 -21.49 4.96 7.53
C ALA A 310 -22.71 5.83 7.24
N GLY A 311 -23.43 5.50 6.17
CA GLY A 311 -24.56 6.30 5.71
C GLY A 311 -24.10 7.37 4.73
N LYS A 312 -24.99 7.78 3.83
CA LYS A 312 -24.68 8.80 2.84
C LYS A 312 -24.36 10.16 3.45
N ALA A 313 -25.17 10.57 4.44
CA ALA A 313 -25.05 11.90 5.02
C ALA A 313 -23.69 12.10 5.69
N LEU A 314 -23.28 11.14 6.50
CA LEU A 314 -21.99 11.22 7.19
C LEU A 314 -20.80 11.16 6.22
N THR A 315 -20.91 10.28 5.23
CA THR A 315 -19.88 10.18 4.19
C THR A 315 -19.65 11.52 3.52
N GLU A 316 -20.73 12.21 3.19
CA GLU A 316 -20.64 13.53 2.56
C GLU A 316 -20.04 14.56 3.50
N GLY A 317 -20.43 14.53 4.77
CA GLY A 317 -19.88 15.44 5.76
C GLY A 317 -18.39 15.27 5.95
N LEU A 318 -17.93 14.02 5.95
CA LEU A 318 -16.50 13.73 6.08
C LEU A 318 -15.72 14.27 4.89
N HIS A 319 -16.26 14.09 3.68
CA HIS A 319 -15.68 14.68 2.48
C HIS A 319 -15.57 16.20 2.59
N GLN A 320 -16.63 16.84 3.05
CA GLN A 320 -16.63 18.30 3.19
C GLN A 320 -15.67 18.76 4.30
N LEU A 321 -15.55 17.97 5.37
CA LEU A 321 -14.59 18.29 6.44
C LEU A 321 -13.16 18.27 5.91
N ALA A 322 -12.85 17.26 5.10
CA ALA A 322 -11.54 17.17 4.44
C ALA A 322 -11.28 18.40 3.57
N GLN A 323 -12.28 18.74 2.75
CA GLN A 323 -12.25 19.91 1.88
C GLN A 323 -11.95 21.18 2.72
N ALA A 324 -12.67 21.31 3.82
CA ALA A 324 -12.62 22.51 4.65
C ALA A 324 -11.30 22.69 5.41
N THR A 325 -10.62 21.57 5.68
CA THR A 325 -9.40 21.58 6.49
C THR A 325 -8.12 21.40 5.68
N GLY A 326 -8.25 21.36 4.35
CA GLY A 326 -7.09 21.14 3.47
C GLY A 326 -6.45 19.78 3.59
N THR A 327 -7.26 18.77 3.90
CA THR A 327 -6.78 17.41 4.07
C THR A 327 -7.48 16.49 3.08
N THR A 328 -7.07 15.22 3.07
CA THR A 328 -7.73 14.19 2.29
C THR A 328 -8.70 13.46 3.19
N LEU A 329 -9.70 12.81 2.60
CA LEU A 329 -10.61 11.97 3.37
C LEU A 329 -9.81 10.91 4.12
N TYR A 330 -8.81 10.34 3.45
CA TYR A 330 -7.88 9.41 4.08
C TYR A 330 -7.36 9.95 5.42
N MET A 331 -6.87 11.19 5.42
CA MET A 331 -6.31 11.80 6.62
C MET A 331 -7.35 12.00 7.73
N VAL A 332 -8.54 12.44 7.35
CA VAL A 332 -9.62 12.68 8.31
C VAL A 332 -9.97 11.37 9.02
N LEU A 333 -10.15 10.32 8.23
CA LEU A 333 -10.47 8.99 8.78
C LEU A 333 -9.34 8.42 9.64
N LEU A 334 -8.09 8.59 9.20
CA LEU A 334 -6.95 8.15 10.01
C LEU A 334 -6.92 8.91 11.32
N ALA A 335 -7.20 10.21 11.26
CA ALA A 335 -7.27 11.04 12.45
C ALA A 335 -8.37 10.54 13.39
N ALA A 336 -9.56 10.29 12.84
CA ALA A 336 -10.68 9.76 13.63
C ALA A 336 -10.36 8.38 14.20
N TYR A 337 -9.62 7.59 13.45
CA TYR A 337 -9.23 6.26 13.91
C TYR A 337 -8.27 6.38 15.10
N ASN A 338 -7.31 7.29 15.02
CA ASN A 338 -6.42 7.56 16.15
C ASN A 338 -7.13 7.97 17.45
N VAL A 339 -8.16 8.81 17.34
CA VAL A 339 -8.94 9.19 18.54
C VAL A 339 -9.76 8.01 19.08
N LEU A 340 -10.27 7.17 18.18
CA LEU A 340 -10.97 5.93 18.56
C LEU A 340 -10.06 5.05 19.41
N LEU A 341 -8.86 4.78 18.90
CA LEU A 341 -7.89 3.95 19.60
C LEU A 341 -7.45 4.60 20.92
N ALA A 342 -7.24 5.91 20.89
CA ALA A 342 -6.85 6.67 22.09
C ALA A 342 -7.87 6.51 23.22
N LYS A 343 -9.15 6.53 22.88
CA LYS A 343 -10.21 6.40 23.87
C LYS A 343 -10.34 4.96 24.39
N TYR A 344 -10.25 3.99 23.50
CA TYR A 344 -10.28 2.58 23.91
C TYR A 344 -9.05 2.22 24.74
N ALA A 345 -7.88 2.66 24.31
CA ALA A 345 -6.63 2.29 24.94
C ALA A 345 -6.26 3.13 26.15
N GLY A 346 -6.87 4.30 26.29
CA GLY A 346 -6.50 5.26 27.33
C GLY A 346 -5.07 5.75 27.16
N GLN A 347 -4.69 6.00 25.90
CA GLN A 347 -3.34 6.43 25.55
C GLN A 347 -3.39 7.65 24.63
N GLU A 348 -2.31 8.43 24.63
CA GLU A 348 -2.25 9.66 23.86
C GLU A 348 -1.04 9.69 22.92
N ASP A 349 -0.51 8.51 22.62
CA ASP A 349 0.64 8.36 21.74
C ASP A 349 0.48 6.97 21.10
N ILE A 350 0.23 6.97 19.80
CA ILE A 350 -0.27 5.80 19.10
C ILE A 350 0.36 5.66 17.73
N ILE A 351 0.76 4.43 17.39
CA ILE A 351 1.33 4.10 16.07
C ILE A 351 0.34 3.21 15.32
N VAL A 352 0.01 3.60 14.09
CA VAL A 352 -0.89 2.85 13.22
C VAL A 352 -0.17 2.54 11.91
N GLY A 353 -0.16 1.28 11.51
CA GLY A 353 0.42 0.89 10.22
C GLY A 353 -0.47 1.33 9.09
N THR A 354 0.11 2.01 8.10
CA THR A 354 -0.64 2.42 6.91
C THR A 354 0.03 1.91 5.63
N PRO A 355 -0.54 0.87 5.02
CA PRO A 355 0.00 0.42 3.73
C PRO A 355 -0.13 1.48 2.64
N ILE A 356 0.90 1.54 1.79
CA ILE A 356 0.91 2.39 0.60
C ILE A 356 1.25 1.50 -0.58
N THR A 357 0.95 1.95 -1.79
CA THR A 357 1.16 1.11 -2.98
C THR A 357 2.65 0.90 -3.26
N GLY A 358 3.47 1.87 -2.89
CA GLY A 358 4.90 1.85 -3.17
C GLY A 358 5.22 2.24 -4.61
N ARG A 359 4.20 2.68 -5.35
CA ARG A 359 4.30 3.00 -6.76
C ARG A 359 4.28 4.51 -6.92
N SER A 360 5.34 5.16 -6.46
CA SER A 360 5.35 6.62 -6.30
C SER A 360 5.80 7.34 -7.56
N HIS A 361 6.01 6.61 -8.64
CA HIS A 361 6.32 7.21 -9.93
C HIS A 361 5.44 6.56 -10.99
N ALA A 362 5.03 7.35 -11.98
CA ALA A 362 4.23 6.85 -13.11
C ALA A 362 4.73 5.51 -13.63
N ASP A 363 6.05 5.39 -13.80
CA ASP A 363 6.65 4.21 -14.41
C ASP A 363 6.50 2.93 -13.59
N LEU A 364 6.26 3.06 -12.29
CA LEU A 364 6.04 1.91 -11.43
C LEU A 364 4.60 1.42 -11.40
N GLU A 365 3.66 2.25 -11.85
CA GLU A 365 2.23 1.95 -11.73
C GLU A 365 1.76 0.69 -12.49
N PRO A 366 2.31 0.42 -13.70
CA PRO A 366 1.82 -0.72 -14.48
C PRO A 366 2.58 -2.02 -14.27
N ILE A 367 3.58 -2.02 -13.39
CA ILE A 367 4.48 -3.16 -13.23
C ILE A 367 3.88 -4.23 -12.33
N VAL A 368 4.00 -5.49 -12.75
CA VAL A 368 3.67 -6.62 -11.89
C VAL A 368 4.89 -6.96 -10.99
N GLY A 369 4.70 -6.85 -9.68
CA GLY A 369 5.79 -7.05 -8.73
C GLY A 369 5.36 -6.67 -7.33
N MET A 370 6.29 -6.82 -6.40
CA MET A 370 6.05 -6.57 -4.98
C MET A 370 6.47 -5.13 -4.63
N PHE A 371 5.49 -4.23 -4.57
CA PHE A 371 5.76 -2.80 -4.26
C PHE A 371 5.19 -2.35 -2.92
N VAL A 372 4.10 -2.97 -2.48
CA VAL A 372 3.39 -2.53 -1.29
C VAL A 372 4.36 -2.37 -0.11
N ASN A 373 4.27 -1.23 0.55
CA ASN A 373 5.14 -0.85 1.67
C ASN A 373 4.21 -0.48 2.80
N THR A 374 4.70 -0.49 4.03
CA THR A 374 3.92 -0.04 5.17
C THR A 374 4.69 1.07 5.86
N LEU A 375 3.97 2.13 6.24
CA LEU A 375 4.54 3.20 7.02
C LEU A 375 4.01 3.10 8.43
N ALA A 376 4.90 3.21 9.42
CA ALA A 376 4.50 3.28 10.81
C ALA A 376 4.11 4.71 11.11
N MET A 377 2.82 5.00 11.16
CA MET A 377 2.33 6.35 11.34
C MET A 377 2.11 6.63 12.83
N ARG A 378 2.91 7.53 13.39
CA ARG A 378 2.84 7.87 14.82
C ARG A 378 2.14 9.22 15.00
N ASN A 379 1.16 9.23 15.89
CA ASN A 379 0.44 10.46 16.22
C ASN A 379 0.14 10.52 17.71
N LYS A 380 -0.18 11.72 18.19
CA LYS A 380 -0.32 11.97 19.62
C LYS A 380 -1.68 12.60 19.92
N PRO A 381 -2.74 11.78 19.92
CA PRO A 381 -4.09 12.25 20.23
C PRO A 381 -4.24 12.57 21.72
N GLN A 382 -3.75 13.75 22.11
CA GLN A 382 -3.83 14.22 23.48
C GLN A 382 -5.21 14.85 23.76
N ARG A 383 -5.71 14.64 24.97
CA ARG A 383 -7.06 15.05 25.36
C ARG A 383 -7.33 16.56 25.18
N GLU A 384 -6.30 17.38 25.37
CA GLU A 384 -6.42 18.83 25.34
C GLU A 384 -6.42 19.41 23.93
N LYS A 385 -5.97 18.63 22.95
CA LYS A 385 -5.92 19.09 21.57
C LYS A 385 -7.31 19.19 20.96
N THR A 386 -7.52 20.16 20.09
CA THR A 386 -8.75 20.22 19.29
C THR A 386 -8.60 19.18 18.19
N PHE A 387 -9.70 18.60 17.73
CA PHE A 387 -9.60 17.65 16.63
C PHE A 387 -8.98 18.35 15.41
N SER A 388 -9.35 19.61 15.21
CA SER A 388 -8.81 20.39 14.09
C SER A 388 -7.28 20.42 14.10
N GLU A 389 -6.69 20.74 15.24
CA GLU A 389 -5.22 20.82 15.32
C GLU A 389 -4.58 19.43 15.27
N PHE A 390 -5.23 18.44 15.88
CA PHE A 390 -4.76 17.05 15.81
C PHE A 390 -4.76 16.55 14.37
N LEU A 391 -5.85 16.84 13.65
CA LEU A 391 -5.94 16.47 12.24
C LEU A 391 -4.81 17.09 11.41
N GLN A 392 -4.45 18.33 11.72
CA GLN A 392 -3.34 18.96 11.04
C GLN A 392 -2.01 18.27 11.37
N GLU A 393 -1.88 17.76 12.59
CA GLU A 393 -0.70 16.96 12.94
C GLU A 393 -0.65 15.69 12.11
N VAL A 394 -1.79 15.02 11.99
CA VAL A 394 -1.94 13.81 11.17
C VAL A 394 -1.56 14.07 9.71
N LYS A 395 -2.03 15.19 9.19
CA LYS A 395 -1.69 15.59 7.82
C LYS A 395 -0.19 15.81 7.66
N GLN A 396 0.39 16.58 8.57
CA GLN A 396 1.80 16.91 8.53
C GLN A 396 2.67 15.66 8.63
N ASN A 397 2.33 14.77 9.55
CA ASN A 397 3.07 13.53 9.73
C ASN A 397 2.91 12.59 8.55
N ALA A 398 1.74 12.64 7.91
CA ALA A 398 1.47 11.83 6.72
C ALA A 398 2.33 12.32 5.55
N LEU A 399 2.32 13.61 5.31
CA LEU A 399 3.12 14.20 4.25
C LEU A 399 4.60 13.94 4.48
N ASP A 400 5.06 14.09 5.73
CA ASP A 400 6.46 13.80 6.09
C ASP A 400 6.77 12.34 5.82
N ALA A 401 5.85 11.46 6.18
CA ALA A 401 6.01 10.01 5.95
C ALA A 401 6.12 9.71 4.47
N TYR A 402 5.21 10.27 3.67
CA TYR A 402 5.23 10.07 2.22
C TYR A 402 6.52 10.62 1.60
N GLY A 403 6.98 11.75 2.12
CA GLY A 403 8.25 12.34 1.68
C GLY A 403 9.48 11.50 2.03
N HIS A 404 9.33 10.59 2.97
CA HIS A 404 10.41 9.71 3.39
C HIS A 404 10.05 8.25 3.25
N GLN A 405 9.24 7.94 2.23
CA GLN A 405 8.75 6.57 2.01
C GLN A 405 9.78 5.62 1.40
N ASP A 406 10.90 6.15 0.91
CA ASP A 406 11.90 5.31 0.26
C ASP A 406 12.93 4.74 1.24
N TYR A 407 12.40 4.27 2.37
CA TYR A 407 13.16 3.53 3.36
C TYR A 407 12.35 2.26 3.67
N PRO A 408 12.86 1.08 3.29
CA PRO A 408 12.14 -0.17 3.53
C PRO A 408 11.77 -0.40 5.00
N PHE A 409 10.53 -0.80 5.25
CA PHE A 409 10.08 -1.13 6.60
C PHE A 409 10.98 -2.19 7.24
N GLU A 410 11.52 -3.09 6.40
CA GLU A 410 12.44 -4.15 6.85
C GLU A 410 13.71 -3.58 7.48
N GLU A 411 14.23 -2.50 6.91
CA GLU A 411 15.42 -1.83 7.45
C GLU A 411 15.13 -1.14 8.77
N LEU A 412 13.97 -0.49 8.86
CA LEU A 412 13.57 0.21 10.08
C LEU A 412 13.49 -0.72 11.28
N VAL A 413 12.83 -1.86 11.09
CA VAL A 413 12.66 -2.84 12.16
C VAL A 413 14.01 -3.32 12.71
N GLU A 414 14.93 -3.63 11.81
CA GLU A 414 16.26 -4.10 12.20
C GLU A 414 17.10 -2.97 12.80
N LYS A 415 16.98 -1.77 12.26
CA LYS A 415 17.78 -0.63 12.70
C LYS A 415 17.38 -0.13 14.09
N LEU A 416 16.10 -0.29 14.44
CA LEU A 416 15.60 0.13 15.76
C LEU A 416 15.91 -0.88 16.87
N ALA A 417 16.59 -1.97 16.53
CA ALA A 417 16.78 -3.08 17.46
C ALA A 417 15.41 -3.71 17.73
N ILE A 418 15.06 -3.94 19.00
CA ILE A 418 13.84 -4.68 19.30
C ILE A 418 13.18 -4.32 20.63
N ALA A 419 11.86 -4.16 20.58
CA ALA A 419 10.98 -4.23 21.74
C ALA A 419 9.83 -5.10 21.25
N ARG A 420 10.18 -6.34 20.90
CA ARG A 420 9.46 -7.11 19.88
C ARG A 420 8.19 -7.81 20.40
N ASP A 421 8.36 -8.95 21.08
CA ASP A 421 7.22 -9.75 21.58
C ASP A 421 6.60 -10.61 20.46
N LEU A 422 6.55 -11.93 20.70
CA LEU A 422 5.99 -12.88 19.74
C LEU A 422 4.45 -12.81 19.66
N SER A 423 3.83 -12.22 20.70
CA SER A 423 2.38 -12.07 20.74
C SER A 423 1.89 -10.85 19.98
N ARG A 424 2.81 -10.04 19.46
CA ARG A 424 2.43 -8.82 18.75
C ARG A 424 3.42 -8.49 17.64
N ASN A 425 3.14 -7.43 16.89
CA ASN A 425 3.93 -7.07 15.72
C ASN A 425 4.84 -5.88 15.99
N PRO A 426 5.94 -5.77 15.22
CA PRO A 426 6.87 -4.67 15.45
C PRO A 426 6.24 -3.32 15.10
N LEU A 427 6.46 -2.34 15.99
CA LEU A 427 6.06 -0.95 15.82
C LEU A 427 4.56 -0.67 15.94
N PHE A 428 3.72 -1.51 15.34
CA PHE A 428 2.26 -1.31 15.41
C PHE A 428 1.49 -2.64 15.46
N ASP A 429 0.36 -2.62 16.15
CA ASP A 429 -0.52 -3.78 16.28
C ASP A 429 -1.87 -3.59 15.62
N THR A 430 -2.03 -2.48 14.92
CA THR A 430 -3.20 -2.25 14.11
C THR A 430 -2.81 -1.60 12.78
N VAL A 431 -3.64 -1.83 11.76
CA VAL A 431 -3.43 -1.29 10.43
C VAL A 431 -4.69 -0.54 10.00
N PHE A 432 -4.50 0.56 9.27
CA PHE A 432 -5.60 1.34 8.70
C PHE A 432 -5.44 1.38 7.19
N THR A 433 -6.53 1.09 6.46
CA THR A 433 -6.54 1.23 4.99
C THR A 433 -7.80 1.95 4.51
N PHE A 434 -7.70 2.61 3.37
CA PHE A 434 -8.85 3.27 2.74
C PHE A 434 -8.83 2.99 1.23
N GLN A 435 -9.95 2.51 0.70
CA GLN A 435 -10.04 2.12 -0.73
C GLN A 435 -11.30 2.71 -1.38
N ASN A 436 -11.35 2.66 -2.71
CA ASN A 436 -12.50 3.16 -3.49
C ASN A 436 -13.23 2.04 -4.24
N SER A 437 -13.83 1.11 -3.51
CA SER A 437 -14.66 0.04 -4.09
C SER A 437 -13.93 -0.77 -5.16
N THR A 438 -14.67 -1.60 -5.89
CA THR A 438 -14.19 -2.21 -7.15
C THR A 438 -15.11 -3.34 -7.63
N GLU A 439 -16.03 -2.97 -8.53
CA GLU A 439 -16.70 -3.87 -9.47
C GLU A 439 -16.89 -5.35 -9.07
N GLU A 440 -18.13 -5.80 -9.06
CA GLU A 440 -18.45 -7.22 -8.85
C GLU A 440 -18.53 -8.01 -10.16
N VAL A 441 -18.52 -7.31 -11.30
CA VAL A 441 -18.52 -7.96 -12.62
C VAL A 441 -18.02 -7.03 -13.74
N MET A 442 -16.89 -7.39 -14.35
CA MET A 442 -16.27 -6.57 -15.41
C MET A 442 -16.57 -7.09 -16.82
N THR A 443 -17.01 -8.35 -16.91
CA THR A 443 -17.60 -8.92 -18.14
C THR A 443 -16.64 -9.19 -19.30
N LEU A 444 -17.03 -10.16 -20.12
CA LEU A 444 -16.35 -10.52 -21.36
C LEU A 444 -17.37 -10.51 -22.50
N PRO A 445 -16.90 -10.61 -23.76
CA PRO A 445 -17.84 -10.64 -24.89
C PRO A 445 -18.96 -11.69 -24.76
N GLU A 446 -18.60 -12.91 -24.38
CA GLU A 446 -19.55 -14.02 -24.30
C GLU A 446 -19.72 -14.57 -22.88
N CYS A 447 -19.14 -13.90 -21.89
CA CYS A 447 -19.14 -14.39 -20.50
C CYS A 447 -19.38 -13.29 -19.47
N THR A 448 -19.68 -13.71 -18.25
CA THR A 448 -19.83 -12.81 -17.11
C THR A 448 -18.95 -13.28 -15.95
N LEU A 449 -18.16 -12.37 -15.40
CA LEU A 449 -17.18 -12.70 -14.37
C LEU A 449 -17.67 -12.24 -12.99
N ALA A 450 -17.50 -13.10 -11.98
CA ALA A 450 -17.93 -12.78 -10.62
C ALA A 450 -17.16 -13.61 -9.60
N PRO A 451 -17.23 -13.23 -8.31
CA PRO A 451 -16.59 -14.02 -7.25
C PRO A 451 -17.20 -15.41 -7.09
N PHE A 452 -16.39 -16.37 -6.63
CA PHE A 452 -16.86 -17.72 -6.38
C PHE A 452 -16.89 -18.02 -4.88
N MET A 453 -15.75 -17.86 -4.22
CA MET A 453 -15.64 -18.11 -2.78
C MET A 453 -15.86 -16.82 -2.01
N THR A 454 -16.06 -16.61 -0.59
CA THR A 454 -16.42 -15.39 0.15
C THR A 454 -15.35 -14.27 0.10
N ASP A 455 -14.23 -14.53 -0.59
CA ASP A 455 -13.33 -13.49 -1.07
C ASP A 455 -12.39 -12.90 -0.01
N GLU A 456 -11.31 -12.28 -0.48
CA GLU A 456 -10.30 -11.64 0.37
C GLU A 456 -9.68 -12.64 1.38
N THR A 457 -9.08 -12.13 2.46
CA THR A 457 -8.55 -12.97 3.54
C THR A 457 -8.93 -12.39 4.90
N GLY A 458 -10.19 -12.58 5.27
CA GLY A 458 -10.74 -12.07 6.55
C GLY A 458 -10.67 -13.09 7.68
N GLN A 459 -10.54 -14.22 7.56
CA GLN A 459 -10.34 -15.39 8.40
C GLN A 459 -8.89 -15.51 8.92
N HIS A 460 -7.97 -14.79 8.29
CA HIS A 460 -6.59 -14.68 8.75
C HIS A 460 -6.33 -13.23 9.17
N ALA A 461 -5.87 -13.03 10.40
CA ALA A 461 -5.60 -11.68 10.90
C ALA A 461 -4.16 -11.56 11.37
N LYS A 462 -3.33 -10.86 10.59
CA LYS A 462 -1.92 -10.67 10.97
C LYS A 462 -1.76 -9.76 12.19
N PHE A 463 -2.68 -8.80 12.34
CA PHE A 463 -2.60 -7.80 13.41
C PHE A 463 -3.78 -7.95 14.35
N ASP A 464 -3.70 -7.31 15.53
CA ASP A 464 -4.80 -7.35 16.50
C ASP A 464 -6.10 -7.01 15.78
N LEU A 465 -6.04 -5.95 14.98
CA LEU A 465 -7.13 -5.65 14.08
C LEU A 465 -6.68 -4.78 12.91
N THR A 466 -7.35 -4.94 11.78
CA THR A 466 -7.13 -4.12 10.61
C THR A 466 -8.42 -3.38 10.32
N PHE A 467 -8.33 -2.05 10.30
CA PHE A 467 -9.50 -1.19 10.14
C PHE A 467 -9.50 -0.73 8.69
N SER A 468 -10.58 -1.03 7.96
CA SER A 468 -10.66 -0.73 6.53
C SER A 468 -11.88 0.13 6.21
N ALA A 469 -11.64 1.30 5.64
CA ALA A 469 -12.73 2.13 5.13
C ALA A 469 -12.81 1.92 3.61
N THR A 470 -14.02 1.71 3.10
CA THR A 470 -14.22 1.50 1.66
C THR A 470 -15.37 2.38 1.17
N GLU A 471 -15.07 3.23 0.19
CA GLU A 471 -16.07 4.10 -0.42
C GLU A 471 -16.82 3.32 -1.49
N GLU A 472 -18.07 2.97 -1.20
CA GLU A 472 -18.81 1.97 -2.00
C GLU A 472 -19.79 2.56 -3.02
N ARG A 473 -19.78 3.87 -3.19
CA ARG A 473 -20.61 4.61 -4.19
C ARG A 473 -21.86 5.22 -3.56
N GLU A 474 -22.59 4.44 -2.76
CA GLU A 474 -23.76 4.95 -2.05
C GLU A 474 -23.51 5.16 -0.56
N GLU A 475 -22.29 4.82 -0.11
CA GLU A 475 -21.80 5.22 1.22
C GLU A 475 -20.39 4.70 1.45
N MET A 476 -19.72 5.26 2.45
CA MET A 476 -18.49 4.69 2.96
C MET A 476 -18.86 3.56 3.92
N THR A 477 -18.20 2.43 3.79
CA THR A 477 -18.38 1.32 4.73
C THR A 477 -17.13 1.17 5.57
N ILE A 478 -17.33 0.72 6.81
CA ILE A 478 -16.26 0.51 7.77
C ILE A 478 -16.12 -0.98 8.06
N GLY A 479 -14.96 -1.54 7.74
CA GLY A 479 -14.68 -2.96 7.97
C GLY A 479 -13.60 -3.13 9.03
N VAL A 480 -13.80 -4.11 9.91
CA VAL A 480 -12.79 -4.46 10.91
C VAL A 480 -12.53 -5.96 10.85
N GLU A 481 -11.29 -6.32 10.53
CA GLU A 481 -10.81 -7.68 10.59
C GLU A 481 -10.03 -7.77 11.88
N TYR A 482 -10.40 -8.71 12.75
CA TYR A 482 -9.85 -8.75 14.11
C TYR A 482 -9.46 -10.15 14.52
N SER A 483 -8.55 -10.21 15.50
CA SER A 483 -8.09 -11.47 16.08
C SER A 483 -9.20 -12.11 16.90
N THR A 484 -9.58 -13.33 16.54
CA THR A 484 -10.61 -14.08 17.27
C THR A 484 -10.18 -14.38 18.72
N SER A 485 -8.87 -14.45 18.94
CA SER A 485 -8.32 -14.75 20.26
C SER A 485 -8.42 -13.56 21.24
N LEU A 486 -8.74 -12.38 20.73
CA LEU A 486 -8.73 -11.14 21.53
C LEU A 486 -10.11 -10.49 21.70
N PHE A 487 -10.92 -10.47 20.65
CA PHE A 487 -12.18 -9.72 20.66
C PHE A 487 -13.38 -10.56 20.24
N THR A 488 -14.53 -10.28 20.86
CA THR A 488 -15.79 -10.86 20.46
C THR A 488 -16.37 -10.02 19.31
N ARG A 489 -17.30 -10.61 18.56
CA ARG A 489 -18.03 -9.88 17.53
C ARG A 489 -18.76 -8.68 18.12
N GLU A 490 -19.35 -8.86 19.29
CA GLU A 490 -20.09 -7.79 19.98
C GLU A 490 -19.20 -6.57 20.21
N THR A 491 -18.02 -6.81 20.79
CA THR A 491 -17.05 -5.74 21.07
C THR A 491 -16.63 -4.98 19.82
N MET A 492 -16.44 -5.70 18.72
CA MET A 492 -15.97 -5.10 17.47
C MET A 492 -17.08 -4.35 16.73
N GLU A 493 -18.31 -4.87 16.79
CA GLU A 493 -19.45 -4.13 16.26
C GLU A 493 -19.65 -2.81 17.03
N ARG A 494 -19.43 -2.84 18.35
CA ARG A 494 -19.52 -1.64 19.17
C ARG A 494 -18.37 -0.67 18.88
N PHE A 495 -17.17 -1.23 18.71
CA PHE A 495 -15.97 -0.49 18.29
C PHE A 495 -16.23 0.30 17.01
N SER A 496 -16.88 -0.34 16.05
CA SER A 496 -17.21 0.28 14.76
C SER A 496 -18.24 1.40 14.91
N ARG A 497 -19.30 1.16 15.68
CA ARG A 497 -20.31 2.19 15.96
C ARG A 497 -19.67 3.40 16.64
N HIS A 498 -18.71 3.14 17.54
CA HIS A 498 -17.99 4.23 18.22
C HIS A 498 -17.16 5.05 17.24
N PHE A 499 -16.59 4.42 16.22
CA PHE A 499 -15.91 5.16 15.17
C PHE A 499 -16.88 6.13 14.47
N LEU A 500 -18.08 5.64 14.17
CA LEU A 500 -19.09 6.45 13.49
C LEU A 500 -19.60 7.58 14.38
N THR A 501 -19.69 7.35 15.69
CA THR A 501 -20.06 8.41 16.61
C THR A 501 -18.98 9.49 16.66
N ILE A 502 -17.71 9.07 16.71
CA ILE A 502 -16.60 10.03 16.70
C ILE A 502 -16.65 10.83 15.40
N ALA A 503 -16.84 10.13 14.28
CA ALA A 503 -16.91 10.75 12.96
C ALA A 503 -18.01 11.79 12.87
N ALA A 504 -19.19 11.45 13.39
CA ALA A 504 -20.34 12.36 13.38
C ALA A 504 -20.05 13.63 14.19
N SER A 505 -19.43 13.44 15.35
CA SER A 505 -19.12 14.54 16.27
C SER A 505 -18.11 15.53 15.69
N ILE A 506 -17.07 15.01 15.05
CA ILE A 506 -16.03 15.87 14.47
C ILE A 506 -16.53 16.60 13.21
N VAL A 507 -17.46 15.99 12.48
CA VAL A 507 -18.12 16.67 11.35
C VAL A 507 -19.02 17.81 11.88
N GLN A 508 -19.76 17.53 12.96
CA GLN A 508 -20.58 18.54 13.64
C GLN A 508 -19.75 19.72 14.10
N ASN A 509 -18.61 19.43 14.74
CA ASN A 509 -17.74 20.44 15.32
C ASN A 509 -16.28 20.00 15.29
N PRO A 510 -15.55 20.36 14.22
CA PRO A 510 -14.14 19.96 14.08
C PRO A 510 -13.21 20.54 15.14
N HIS A 511 -13.65 21.57 15.85
CA HIS A 511 -12.80 22.21 16.86
C HIS A 511 -13.04 21.65 18.27
N ILE A 512 -13.94 20.67 18.38
CA ILE A 512 -14.15 19.97 19.64
C ILE A 512 -12.83 19.39 20.14
N ARG A 513 -12.59 19.46 21.44
CA ARG A 513 -11.38 18.91 22.01
C ARG A 513 -11.51 17.41 22.17
N LEU A 514 -10.43 16.67 21.95
CA LEU A 514 -10.48 15.22 21.92
C LEU A 514 -11.15 14.63 23.18
N GLY A 515 -10.80 15.16 24.34
CA GLY A 515 -11.39 14.71 25.60
C GLY A 515 -12.88 14.96 25.73
N GLU A 516 -13.39 15.97 25.03
CA GLU A 516 -14.81 16.31 25.07
C GLU A 516 -15.64 15.48 24.09
N ILE A 517 -14.99 14.76 23.18
CA ILE A 517 -15.72 13.90 22.24
C ILE A 517 -16.40 12.78 23.03
N ASP A 518 -17.73 12.85 23.11
CA ASP A 518 -18.51 11.86 23.84
C ASP A 518 -18.75 10.64 22.95
N MET A 519 -17.84 9.68 23.05
CA MET A 519 -17.94 8.43 22.31
C MET A 519 -18.98 7.50 22.95
N LEU A 520 -19.16 7.66 24.27
CA LEU A 520 -19.90 6.73 25.15
C LEU A 520 -18.97 5.66 25.71
#